data_2B6B
#
_entry.id   2B6B
#
loop_
_entity.id
_entity.type
_entity.pdbx_description
1 polymer 'envelope glycoprotein'
2 polymer 'CD209 antigen'
#
loop_
_entity_poly.entity_id
_entity_poly.type
_entity_poly.pdbx_seq_one_letter_code
_entity_poly.pdbx_strand_id
1 'polypeptide(L)'
;MRCIGISNRDFVEGVSGGSWVDIVLEHGSCVTTMAKNKPTLDFELIKTEAKQPATLRKYCIEAKLTNTTTESRCPTQGEP
TLNEEQDKRFVCKHSMVDRGWGNGCGLFGKGGIVTCAMFTCKKNMEGKIVQPENLEYTVVITPHSGEEHAVGNDTGKHGK
EVKITPQSSITEAELTGYGTVTMECSPRTGLDFNEMVLLQMKDKAWLVHRQWFLDLPLPWLPGADTQGSNWIQKETLVTF
KNPHAKKQDVVVLGSQEGAMHTALTGATEIQMSSGNLLFTGHLKCRLRMDKLQLKGMSYSMCTGKFKVVKEIAETQHGTI
VIRVQYEGDGSPCKIPFEIMDLEKRHVLGRLITVNPIVTEKDSPVNIEAEPPFGDSYIIIGVEPGQLKLNWFKK
;
A,B,C
2 'polypeptide(L)'
;MGSSHHHHHHSSGLVPRGSHMRLCHPCPWEWTFFQGNCYFMSNSQRNWHDSITACKEVGAQLVVIKSAEEQNFLQLQSSR
SNRFTWMGLSDLNQEGTWQWVDGSPLLPSFKQYWNRGEPNNVGEEDCAEFSGNGWNDDKCNLAKFWICKKSAASCSRDEE
QFLSPAPATPNPPPA
;
D
#
# COMPACT_ATOMS: atom_id res chain seq x y z
CA MET A 1 -45.26 -45.38 7.10
CA ARG A 2 -42.87 -42.96 8.78
CA CYS A 3 -44.79 -39.83 7.72
CA ILE A 4 -47.81 -40.81 9.73
CA GLY A 5 -47.96 -38.64 12.83
CA ILE A 6 -45.96 -35.40 11.37
CA SER A 7 -47.74 -32.56 10.75
CA ASN A 8 -45.78 -31.00 7.94
CA ARG A 9 -46.43 -34.04 5.37
CA ASP A 10 -47.41 -33.72 2.16
CA PHE A 11 -49.57 -36.00 -0.02
CA VAL A 12 -48.50 -36.43 -3.64
CA GLU A 13 -50.31 -38.77 -6.14
CA GLY A 14 -48.24 -40.22 -9.17
CA VAL A 15 -49.60 -40.66 -12.70
CA SER A 16 -49.82 -43.67 -15.02
CA SER A 19 -44.21 -43.37 -14.07
CA TRP A 20 -43.21 -39.88 -12.91
CA VAL A 21 -43.84 -37.92 -9.80
CA ASP A 22 -42.69 -34.71 -8.49
CA ILE A 23 -41.86 -34.11 -4.82
CA VAL A 24 -40.16 -31.55 -2.56
CA LEU A 25 -38.26 -32.48 0.55
CA GLU A 26 -36.94 -30.36 3.41
CA HIS A 27 -35.78 -31.09 6.95
CA GLY A 28 -38.87 -31.55 9.11
CA SER A 29 -41.20 -32.18 6.18
CA CYS A 30 -42.31 -35.57 4.92
CA VAL A 31 -43.96 -36.76 1.75
CA THR A 32 -46.27 -39.65 0.99
CA THR A 33 -46.47 -40.66 -2.66
CA MET A 34 -49.15 -42.59 -4.38
CA ALA A 35 -49.26 -43.99 -7.86
CA LYS A 36 -51.87 -46.68 -8.52
CA ASN A 37 -50.91 -50.28 -9.08
CA LYS A 38 -47.90 -49.00 -7.25
CA PRO A 39 -46.81 -49.01 -3.56
CA THR A 40 -47.33 -46.05 -1.30
CA LEU A 41 -44.08 -44.51 -0.18
CA ASP A 42 -42.97 -42.15 2.52
CA PHE A 43 -40.08 -39.81 1.80
CA GLU A 44 -38.00 -37.85 4.26
CA LEU A 45 -34.77 -35.85 4.03
CA ILE A 46 -32.86 -36.99 7.05
CA LYS A 47 -29.37 -35.39 6.52
CA THR A 48 -27.35 -32.89 4.48
CA GLU A 49 -23.58 -33.34 4.51
CA ALA A 50 -20.85 -30.98 3.37
CA LYS A 51 -17.92 -33.00 2.12
CA GLN A 52 -11.04 -28.11 8.38
CA PRO A 53 -12.62 -25.40 6.10
CA ALA A 54 -11.13 -21.91 5.84
CA THR A 55 -11.07 -18.69 7.69
CA LEU A 56 -12.22 -15.79 5.51
CA ARG A 57 -11.62 -13.43 8.39
CA LYS A 58 -11.37 -13.26 12.19
CA TYR A 59 -13.09 -10.56 14.29
CA CYS A 60 -12.12 -9.34 17.75
CA ILE A 61 -15.23 -8.85 19.86
CA GLU A 62 -13.61 -8.03 23.18
CA ALA A 63 -10.39 -6.11 23.78
CA LYS A 64 -7.92 -4.93 26.40
CA LEU A 65 -6.03 -1.64 26.63
CA THR A 66 -2.86 -1.60 28.60
CA ASN A 67 0.71 -0.36 28.82
CA THR A 68 -0.33 3.24 28.14
CA THR A 69 2.51 5.53 27.25
CA THR A 70 2.56 9.14 26.17
CA GLU A 71 4.86 11.87 24.89
CA SER A 72 4.12 15.53 25.43
CA ARG A 73 6.14 18.44 24.12
CA CYS A 74 6.38 22.04 25.34
CA PRO A 75 4.60 24.89 23.47
CA THR A 76 7.84 25.44 21.57
CA GLN A 77 9.31 21.92 21.28
CA GLY A 78 7.12 21.04 18.30
CA GLU A 79 5.57 17.60 17.61
CA PRO A 80 5.24 14.54 19.90
CA THR A 81 6.73 11.15 19.06
CA LEU A 82 6.47 7.68 20.48
CA ASN A 83 8.16 4.65 19.10
CA GLU A 84 4.93 2.91 20.02
CA GLU A 85 3.53 4.75 16.99
CA GLN A 86 5.24 2.07 14.91
CA ASP A 87 4.33 -0.91 17.04
CA LYS A 88 1.25 -2.08 15.20
CA ARG A 89 -0.07 -3.51 18.46
CA PHE A 90 -0.52 0.01 19.76
CA VAL A 91 -3.32 2.38 19.01
CA CYS A 92 -2.49 6.13 19.04
CA LYS A 93 -3.91 9.63 18.81
CA HIS A 94 -2.50 13.19 18.82
CA SER A 95 -4.00 16.01 20.86
CA MET A 96 -2.92 19.32 22.43
CA VAL A 97 -2.76 20.26 26.13
CA ASP A 98 -2.01 23.41 28.07
CA ARG A 99 1.61 23.76 29.11
CA GLY A 100 3.52 26.27 31.26
CA TRP A 101 5.89 26.79 34.18
CA GLY A 102 3.48 24.76 36.34
CA ASN A 103 4.10 21.57 34.44
CA GLY A 104 7.61 21.86 33.01
CA CYS A 105 7.83 24.47 30.28
CA GLY A 106 9.39 27.91 30.16
CA LEU A 107 6.72 28.95 27.73
CA PHE A 108 2.96 29.05 28.00
CA GLY A 109 0.63 27.58 25.40
CA LYS A 110 -0.59 24.40 23.80
CA GLY A 111 2.05 21.73 23.69
CA GLY A 112 1.34 18.68 21.62
CA ILE A 113 0.81 15.17 22.97
CA VAL A 114 0.41 11.70 21.59
CA THR A 115 -0.99 8.88 23.68
CA CYS A 116 -0.66 5.23 22.70
CA ALA A 117 -1.82 1.98 24.32
CA MET A 118 -1.33 -1.66 23.43
CA PHE A 119 -4.49 -3.30 22.14
CA THR A 120 -5.06 -6.92 23.07
CA CYS A 121 -7.89 -9.13 21.89
CA LYS A 122 -9.61 -11.06 24.72
CA LYS A 123 -12.33 -12.94 22.81
CA ASN A 124 -13.07 -13.51 19.10
CA MET A 125 -15.31 -15.00 16.38
CA GLU A 126 -14.29 -16.44 13.00
CA GLY A 127 -15.95 -16.46 9.61
CA LYS A 128 -15.50 -19.63 7.58
CA ILE A 129 -16.04 -20.55 3.97
CA VAL A 130 -18.17 -23.62 3.57
CA GLN A 131 -18.35 -26.12 0.66
CA PRO A 132 -21.09 -28.77 0.73
CA GLU A 133 -24.53 -28.99 -5.92
CA ASN A 134 -21.62 -30.50 -4.03
CA LEU A 135 -23.58 -31.26 -0.77
CA GLU A 136 -24.63 -34.81 -0.15
CA TYR A 137 -28.17 -35.56 0.84
CA THR A 138 -29.52 -38.54 2.71
CA VAL A 139 -33.16 -39.55 2.15
CA VAL A 140 -35.21 -42.28 3.74
CA ILE A 141 -37.86 -44.12 1.76
CA THR A 142 -40.32 -46.11 3.85
CA PRO A 143 -42.94 -48.09 1.87
CA HIS A 144 -46.43 -48.47 3.38
CA SER A 145 -45.99 -52.16 4.06
CA GLY A 146 -48.36 -52.05 7.03
CA GLU A 147 -45.86 -53.74 9.36
CA GLU A 148 -46.98 -53.92 13.03
CA HIS A 149 -44.41 -51.29 13.98
CA ALA A 150 -44.06 -49.28 10.74
CA VAL A 151 -46.33 -46.30 11.65
CA GLY A 152 -44.23 -43.18 12.18
CA ASN A 153 -41.25 -45.26 13.24
CA ASP A 154 -38.39 -42.76 13.52
CA THR A 155 -35.59 -45.32 13.50
CA GLY A 156 -34.86 -46.06 9.87
CA LYS A 157 -35.02 -49.82 9.90
CA HIS A 158 -38.31 -49.83 8.04
CA GLY A 159 -36.72 -47.88 5.26
CA LYS A 160 -33.88 -47.58 2.83
CA GLU A 161 -31.47 -44.71 3.21
CA VAL A 162 -30.41 -43.14 -0.01
CA LYS A 163 -27.62 -40.64 -0.61
CA ILE A 164 -28.21 -38.22 -3.42
CA THR A 165 -24.95 -36.95 -4.62
CA PRO A 166 -25.53 -33.68 -6.45
CA GLN A 167 -22.34 -34.74 -7.83
CA SER A 168 -22.07 -37.99 -8.73
CA SER A 169 -25.65 -38.11 -9.90
CA ILE A 170 -29.02 -39.81 -10.18
CA THR A 171 -29.60 -42.34 -7.41
CA GLU A 172 -31.37 -45.69 -7.84
CA ALA A 173 -33.08 -47.68 -5.09
CA GLU A 174 -33.69 -51.24 -4.04
CA LEU A 175 -37.06 -51.46 -2.37
CA THR A 176 -36.89 -55.07 -1.24
CA GLY A 177 -39.88 -57.13 -2.33
CA TYR A 178 -41.17 -54.07 -4.18
CA GLY A 179 -38.57 -53.57 -6.85
CA THR A 180 -36.65 -50.46 -7.70
CA VAL A 181 -37.32 -46.75 -7.76
CA THR A 182 -35.26 -43.83 -9.10
CA MET A 183 -34.44 -40.31 -8.01
CA GLU A 184 -33.20 -37.10 -9.61
CA CYS A 185 -33.20 -34.06 -7.35
CA SER A 186 -32.32 -30.42 -7.56
CA PRO A 187 -30.96 -28.47 -4.58
CA ARG A 188 -33.29 -25.54 -4.28
CA THR A 189 -33.43 -22.51 -1.94
CA GLY A 190 -34.16 -18.84 -1.84
CA LEU A 191 -29.44 -20.44 0.25
CA ASP A 192 -26.55 -19.88 -2.11
CA PHE A 193 -23.52 -20.98 -0.15
CA ASN A 194 -20.75 -19.12 -1.89
CA GLU A 195 -22.35 -15.89 -0.84
CA MET A 196 -22.80 -17.03 2.71
CA VAL A 197 -20.39 -17.58 5.57
CA LEU A 198 -20.28 -19.78 8.63
CA LEU A 199 -19.80 -17.42 11.57
CA GLN A 200 -18.66 -19.08 14.81
CA MET A 201 -18.86 -17.56 18.26
CA LYS A 202 -17.83 -20.24 20.65
CA ASP A 203 -20.49 -22.92 20.68
CA LYS A 204 -22.90 -20.96 18.50
CA ALA A 205 -22.71 -20.38 14.73
CA TRP A 206 -24.92 -18.98 11.97
CA LEU A 207 -24.71 -18.77 8.20
CA VAL A 208 -24.39 -15.16 7.11
CA HIS A 209 -23.77 -13.26 3.87
CA ARG A 210 -20.33 -12.23 2.71
CA GLN A 211 -20.61 -8.39 2.56
CA TRP A 212 -22.54 -8.24 5.77
CA PHE A 213 -19.76 -10.23 7.43
CA LEU A 214 -17.02 -8.14 5.89
CA ASP A 215 -18.77 -4.87 6.69
CA LEU A 216 -18.58 -5.77 10.33
CA PRO A 217 -17.30 -2.68 12.25
CA LEU A 218 -14.78 -4.59 14.31
CA PRO A 219 -11.07 -5.24 14.61
CA TRP A 220 -9.93 -8.13 12.45
CA LEU A 221 -7.18 -10.43 11.29
CA PRO A 222 -6.88 -11.81 7.72
CA GLY A 223 -8.21 -15.32 7.15
CA ALA A 224 -4.59 -15.92 6.22
CA GLY A 228 -1.97 -12.31 15.69
CA SER A 229 -0.40 -10.26 12.96
CA ASN A 230 -1.72 -6.98 14.17
CA TRP A 231 -5.43 -6.47 14.24
CA ILE A 232 -6.86 -4.16 11.66
CA GLN A 233 -9.22 -1.31 12.49
CA LYS A 234 -8.65 -1.39 16.25
CA GLU A 235 -10.06 2.12 16.62
CA THR A 236 -13.49 0.65 16.13
CA LEU A 237 -13.10 -0.46 19.75
CA VAL A 238 -10.88 2.31 21.07
CA THR A 239 -11.68 5.85 22.15
CA PHE A 240 -9.59 8.89 23.06
CA LYS A 241 -10.65 11.80 25.24
CA ASN A 242 -9.17 15.19 26.14
CA PRO A 243 -12.05 17.27 27.61
CA HIS A 244 -10.12 20.06 29.33
CA ALA A 245 -6.81 20.15 27.50
CA LYS A 246 -5.13 18.61 30.55
CA LYS A 247 -4.33 15.06 29.54
CA GLN A 248 -5.65 12.53 27.09
CA ASP A 249 -7.17 9.23 28.11
CA VAL A 250 -7.91 6.15 26.03
CA VAL A 251 -10.49 3.46 26.64
CA VAL A 252 -11.89 0.35 25.01
CA LEU A 253 -15.57 -0.30 24.32
CA GLY A 254 -16.39 -3.59 25.93
CA SER A 255 -17.65 -6.87 24.62
CA GLN A 256 -19.64 -6.65 21.45
CA GLU A 257 -20.73 -10.25 22.08
CA GLY A 258 -24.30 -9.40 23.04
CA ALA A 259 -24.27 -6.78 20.33
CA MET A 260 -23.42 -9.40 17.70
CA HIS A 261 -26.13 -11.83 18.81
CA THR A 262 -28.63 -9.03 18.44
CA ALA A 263 -27.48 -8.50 14.87
CA LEU A 264 -27.72 -12.21 14.25
CA THR A 265 -31.35 -12.21 15.35
CA GLY A 266 -32.47 -15.72 14.60
CA ALA A 267 -30.67 -15.66 11.24
CA THR A 268 -29.75 -18.97 9.79
CA GLU A 269 -28.45 -20.44 13.03
CA ILE A 270 -26.56 -23.75 12.89
CA GLN A 271 -24.88 -23.69 16.18
CA MET A 272 -24.62 -26.95 17.85
CA SER A 273 -25.86 -30.38 17.91
CA SER A 274 -23.32 -31.68 20.41
CA GLY A 275 -20.42 -29.45 19.38
CA ASN A 276 -25.00 -32.29 11.55
CA LEU A 277 -26.49 -29.73 9.18
CA LEU A 278 -30.04 -28.47 9.03
CA PHE A 279 -30.27 -27.67 5.29
CA THR A 280 -31.90 -24.27 4.74
CA GLY A 281 -34.36 -24.73 1.92
CA HIS A 282 -35.73 -27.36 -0.41
CA LEU A 283 -34.72 -30.26 -2.58
CA LYS A 284 -36.98 -30.76 -5.62
CA CYS A 285 -37.00 -34.30 -6.90
CA ARG A 286 -38.46 -36.43 -9.65
CA LEU A 287 -39.30 -40.10 -9.01
CA ARG A 288 -39.84 -42.84 -11.58
CA MET A 289 -41.69 -45.95 -10.37
CA ASP A 290 -42.05 -48.03 -13.56
CA LYS A 291 -39.61 -50.53 -12.13
CA LEU A 292 -41.67 -50.84 -8.94
CA GLN A 293 -44.60 -53.15 -8.23
CA LEU A 294 -47.22 -53.84 -5.60
CA LYS A 295 -46.53 -56.69 -3.22
CA GLY A 296 -48.74 -59.75 -3.15
CA MET A 297 -50.98 -59.29 -6.18
CA SER A 298 -51.68 -62.97 -6.48
CA TYR A 299 -52.56 -63.39 -2.89
CA SER A 300 -55.86 -64.80 -1.90
CA MET A 301 -58.59 -62.71 -0.38
CA CYS A 302 -58.50 -63.20 3.39
CA THR A 303 -61.60 -65.19 4.25
CA GLY A 304 -61.18 -65.41 8.02
CA LYS A 305 -62.11 -62.72 10.53
CA PHE A 306 -60.17 -59.80 11.93
CA LYS A 307 -59.95 -58.17 15.31
CA VAL A 308 -59.13 -54.55 16.03
CA VAL A 309 -55.84 -54.67 17.89
CA LYS A 310 -55.33 -50.94 18.08
CA GLU A 311 -58.02 -48.39 17.38
CA ILE A 312 -58.99 -46.17 14.47
CA ALA A 313 -57.16 -42.95 15.26
CA GLU A 314 -57.30 -39.84 13.10
CA THR A 315 -54.12 -38.16 11.80
CA GLN A 316 -53.70 -34.43 11.45
CA HIS A 317 -54.69 -34.66 7.80
CA GLY A 318 -58.04 -36.33 7.90
CA THR A 319 -56.70 -39.83 7.37
CA ILE A 320 -57.41 -42.67 9.85
CA VAL A 321 -55.03 -45.41 10.96
CA ILE A 322 -56.21 -48.80 12.21
CA ARG A 323 -54.37 -51.94 13.29
CA VAL A 324 -56.06 -55.26 12.93
CA GLN A 325 -55.10 -58.85 13.49
CA TYR A 326 -56.09 -61.73 11.24
CA GLU A 327 -57.45 -64.83 12.86
CA GLY A 328 -58.46 -66.67 9.72
CA ASP A 329 -56.57 -69.58 8.17
CA GLY A 330 -55.49 -68.30 4.74
CA SER A 331 -52.26 -66.24 5.17
CA PRO A 332 -50.54 -64.93 3.10
CA CYS A 333 -53.62 -63.09 1.88
CA LYS A 334 -55.07 -59.68 0.91
CA ILE A 335 -57.18 -57.81 3.44
CA PRO A 336 -60.78 -57.07 2.29
CA PHE A 337 -60.99 -53.35 2.97
CA GLU A 338 -63.69 -50.91 1.91
CA ILE A 339 -65.17 -47.65 3.15
CA MET A 340 -68.90 -47.25 2.55
CA ASP A 341 -71.57 -44.64 3.14
CA LEU A 342 -74.63 -44.79 5.38
CA GLU A 343 -77.16 -46.63 3.04
CA LYS A 344 -74.67 -49.46 2.97
CA ARG A 345 -73.84 -49.39 -0.76
CA HIS A 346 -71.53 -46.91 -2.47
CA VAL A 347 -67.74 -46.88 -1.72
CA LEU A 348 -66.67 -43.44 -0.44
CA GLY A 349 -63.04 -43.75 0.56
CA ARG A 350 -59.59 -44.46 -0.75
CA LEU A 351 -56.76 -46.41 0.85
CA ILE A 352 -53.47 -44.71 1.53
CA THR A 353 -51.83 -47.97 2.57
CA VAL A 354 -52.68 -49.67 -0.70
CA ASN A 355 -53.05 -53.43 -1.12
CA PRO A 356 -53.20 -54.36 2.60
CA ILE A 357 -52.05 -57.97 3.15
CA VAL A 358 -51.69 -60.36 6.09
CA THR A 359 -48.24 -61.90 6.19
CA GLU A 360 -48.38 -63.90 9.44
CA LYS A 361 -51.33 -65.00 11.57
CA ASP A 362 -50.11 -63.28 14.72
CA SER A 363 -48.46 -60.17 13.25
CA PRO A 364 -50.83 -57.16 13.23
CA VAL A 365 -51.25 -55.00 10.14
CA ASN A 366 -51.53 -51.23 10.06
CA ILE A 367 -53.72 -49.57 7.44
CA GLU A 368 -54.11 -45.88 6.70
CA ALA A 369 -57.16 -44.79 4.80
CA GLU A 370 -58.79 -41.56 3.77
CA PRO A 371 -62.48 -41.68 4.76
CA PRO A 372 -64.94 -39.15 3.31
CA PHE A 373 -66.09 -36.19 5.37
CA GLY A 374 -68.70 -36.97 7.96
CA ASP A 375 -70.30 -40.38 8.50
CA SER A 376 -68.74 -43.39 6.88
CA TYR A 377 -68.13 -47.11 7.35
CA ILE A 378 -64.96 -49.07 7.73
CA ILE A 379 -65.68 -52.64 6.68
CA ILE A 380 -62.82 -55.01 7.34
CA GLY A 381 -62.93 -58.57 6.07
CA VAL A 382 -65.85 -60.44 4.63
CA GLU A 383 -68.86 -61.96 6.35
CA PRO A 384 -69.00 -64.02 8.64
CA GLY A 385 -67.85 -61.71 11.44
CA GLN A 386 -67.00 -58.90 9.10
CA LEU A 387 -65.91 -55.76 11.01
CA LYS A 388 -68.15 -52.76 10.39
CA LEU A 389 -66.69 -49.77 12.14
CA ASN A 390 -68.48 -46.41 12.10
CA TRP A 391 -66.43 -43.24 11.67
CA PHE A 392 -67.19 -39.52 11.54
CA LYS A 393 -64.87 -37.04 9.92
CA LYS A 394 -64.14 -33.48 10.95
CA MET B 1 -3.76 -27.59 -23.81
CA ARG B 2 -1.45 -24.83 -22.62
CA CYS B 3 -4.11 -22.09 -22.81
CA ILE B 4 -6.21 -23.74 -20.16
CA GLY B 5 -5.86 -21.77 -16.94
CA ILE B 6 -4.96 -18.15 -18.57
CA SER B 7 -7.32 -15.68 -18.40
CA ASN B 8 -6.56 -13.65 -21.47
CA ARG B 9 -7.36 -16.64 -24.06
CA ASP B 10 -9.25 -16.38 -26.83
CA PHE B 11 -11.51 -18.95 -28.55
CA VAL B 12 -11.46 -18.99 -32.35
CA GLU B 13 -13.46 -21.54 -34.47
CA GLY B 14 -12.13 -22.43 -38.08
CA VAL B 15 -14.33 -22.98 -41.13
CA SER B 16 -14.67 -25.86 -43.58
CA SER B 19 -9.16 -24.49 -44.18
CA TRP B 20 -8.52 -20.93 -42.99
CA VAL B 21 -8.56 -19.27 -39.66
CA ASP B 22 -7.68 -15.96 -38.40
CA ILE B 23 -5.95 -15.36 -35.05
CA VAL B 24 -4.17 -12.61 -33.10
CA LEU B 25 -1.32 -13.29 -30.73
CA GLU B 26 0.36 -11.07 -28.15
CA HIS B 27 2.59 -11.72 -25.14
CA GLY B 28 0.37 -12.87 -22.28
CA SER B 29 -2.54 -13.82 -24.52
CA CYS B 30 -3.34 -17.31 -25.75
CA VAL B 31 -5.58 -18.66 -28.46
CA THR B 32 -7.46 -21.92 -28.83
CA THR B 33 -8.51 -22.79 -32.37
CA MET B 34 -11.19 -25.13 -33.48
CA ALA B 35 -12.03 -26.38 -36.92
CA LYS B 36 -14.20 -29.49 -37.11
CA ASN B 37 -12.80 -32.81 -38.26
CA LYS B 38 -9.68 -31.03 -37.19
CA PRO B 39 -7.61 -30.99 -33.95
CA THR B 40 -7.98 -28.29 -31.37
CA LEU B 41 -4.88 -26.18 -31.03
CA ASP B 42 -3.46 -23.77 -28.51
CA PHE B 43 -1.37 -20.88 -29.76
CA GLU B 44 0.94 -18.66 -27.78
CA LEU B 45 3.55 -16.04 -28.69
CA ILE B 46 6.42 -16.91 -26.42
CA LYS B 47 9.26 -14.63 -27.72
CA THR B 48 10.14 -11.68 -29.98
CA GLU B 49 13.79 -11.39 -31.01
CA ALA B 50 15.61 -8.48 -32.61
CA LYS B 51 18.37 -9.83 -34.82
CA GLN B 52 25.76 -3.95 -30.21
CA PRO B 53 23.13 -1.50 -31.70
CA ALA B 54 23.85 2.21 -32.02
CA THR B 55 23.84 5.31 -29.94
CA LEU B 56 21.63 8.01 -31.43
CA ARG B 57 22.60 10.31 -28.61
CA LYS B 58 23.90 10.36 -25.02
CA TYR B 59 22.40 12.58 -22.27
CA CYS B 60 24.07 13.82 -19.11
CA ILE B 61 21.66 13.58 -16.20
CA GLU B 62 23.98 14.56 -13.38
CA ALA B 63 26.84 17.05 -13.49
CA LYS B 64 29.71 18.59 -11.54
CA LEU B 65 30.97 22.18 -11.53
CA THR B 66 34.53 22.77 -10.48
CA ASN B 67 37.71 24.67 -11.13
CA THR B 68 35.90 28.02 -11.15
CA THR B 69 37.91 30.86 -12.54
CA THR B 70 37.01 34.45 -13.23
CA GLU B 71 38.33 37.63 -14.82
CA SER B 72 37.13 41.06 -13.74
CA ARG B 73 38.13 44.36 -15.27
CA CYS B 74 38.07 47.88 -13.80
CA PRO B 75 35.36 50.40 -14.83
CA THR B 76 37.77 51.66 -17.48
CA GLN B 77 39.69 48.52 -18.51
CA GLY B 78 36.94 47.35 -20.84
CA GLU B 79 35.88 43.70 -21.43
CA PRO B 80 36.77 40.55 -19.43
CA THR B 81 38.55 37.56 -20.98
CA LEU B 82 39.32 34.05 -19.90
CA ASN B 83 41.06 31.48 -21.96
CA GLU B 84 38.60 29.09 -20.37
CA GLU B 85 36.08 30.76 -22.71
CA GLN B 86 37.58 28.56 -25.44
CA ASP B 87 37.86 25.35 -23.44
CA LYS B 88 34.65 23.69 -24.48
CA ARG B 89 34.59 21.89 -21.14
CA PHE B 90 33.91 25.19 -19.43
CA VAL B 91 30.63 26.99 -19.15
CA CYS B 92 30.77 30.81 -18.98
CA LYS B 93 28.73 33.97 -18.48
CA HIS B 94 29.42 37.73 -18.50
CA SER B 95 28.09 40.11 -15.86
CA MET B 96 28.97 43.50 -14.33
CA VAL B 97 30.01 44.29 -10.75
CA ASP B 98 30.71 47.43 -8.78
CA ARG B 99 34.35 48.46 -8.74
CA GLY B 100 36.31 51.19 -6.95
CA TRP B 101 39.29 52.05 -4.76
CA GLY B 102 38.01 49.49 -2.22
CA ASN B 103 38.61 46.56 -4.53
CA GLY B 104 41.45 47.61 -6.82
CA CYS B 105 40.42 50.33 -9.24
CA GLY B 106 41.24 54.01 -9.45
CA LEU B 107 37.84 54.62 -10.93
CA PHE B 108 34.36 53.95 -9.65
CA GLY B 109 31.69 52.15 -11.65
CA LYS B 110 30.65 48.88 -13.16
CA GLY B 111 33.59 46.79 -14.24
CA GLY B 112 32.87 43.74 -16.33
CA ILE B 113 33.37 40.16 -15.24
CA VAL B 114 33.23 36.75 -16.79
CA THR B 115 33.00 33.61 -14.69
CA CYS B 116 33.69 30.13 -16.06
CA ALA B 117 33.63 26.66 -14.52
CA MET B 118 34.50 23.23 -15.85
CA PHE B 119 31.45 21.05 -16.40
CA THR B 120 31.81 17.35 -15.71
CA CYS B 121 29.21 14.68 -16.27
CA LYS B 122 28.74 12.32 -13.29
CA LYS B 123 25.97 10.04 -14.56
CA ASN B 124 24.30 9.48 -17.97
CA MET B 125 21.69 7.70 -20.10
CA GLU B 126 21.94 6.63 -23.76
CA GLY B 127 19.42 6.43 -26.56
CA LYS B 128 19.81 3.51 -28.94
CA ILE B 129 18.45 2.66 -32.33
CA VAL B 130 16.88 -0.75 -32.43
CA GLN B 131 16.32 -3.12 -35.42
CA PRO B 132 14.22 -6.25 -34.87
CA GLU B 133 9.13 -6.86 -40.33
CA ASN B 134 12.69 -7.84 -39.44
CA LEU B 135 11.91 -9.11 -35.87
CA GLU B 136 11.72 -12.83 -35.34
CA TYR B 137 8.81 -14.32 -33.49
CA THR B 138 8.60 -17.58 -31.63
CA VAL B 139 5.20 -19.25 -31.28
CA VAL B 140 4.20 -22.41 -29.47
CA ILE B 141 1.48 -24.65 -30.82
CA THR B 142 0.10 -27.18 -28.34
CA PRO B 143 -2.57 -29.56 -29.72
CA HIS B 144 -5.36 -30.69 -27.36
CA SER B 145 -4.09 -34.25 -27.19
CA GLY B 146 -5.50 -34.73 -23.69
CA GLU B 147 -2.18 -35.99 -22.30
CA GLU B 148 -2.16 -36.55 -18.51
CA HIS B 149 0.07 -33.51 -18.04
CA ALA B 150 -0.90 -31.33 -21.04
CA VAL B 151 -3.28 -28.90 -19.26
CA GLY B 152 -1.72 -25.45 -19.01
CA ASN B 153 1.75 -26.95 -19.02
CA ASP B 154 4.09 -23.94 -19.29
CA THR B 155 7.17 -25.88 -20.32
CA GLY B 156 6.96 -26.32 -24.05
CA LYS B 157 7.48 -30.04 -24.36
CA HIS B 158 3.86 -30.61 -25.24
CA GLY B 159 4.21 -28.26 -28.14
CA LYS B 160 6.13 -27.29 -31.22
CA GLU B 161 8.01 -24.03 -31.22
CA VAL B 162 7.80 -22.14 -34.44
CA LYS B 163 9.81 -19.11 -35.54
CA ILE B 164 8.02 -16.74 -37.83
CA THR B 165 10.53 -14.80 -39.74
CA PRO B 166 8.87 -11.63 -41.01
CA GLN B 167 11.67 -11.97 -43.31
CA SER B 168 12.25 -15.07 -44.56
CA SER B 169 8.56 -15.85 -44.72
CA ILE B 170 5.62 -18.15 -44.24
CA THR B 171 6.31 -20.87 -41.67
CA GLU B 172 5.13 -24.49 -41.94
CA ALA B 173 4.64 -26.89 -39.02
CA GLU B 174 5.01 -30.55 -38.21
CA LEU B 175 2.35 -31.51 -35.71
CA THR B 176 3.47 -35.06 -35.03
CA GLY B 177 0.72 -37.62 -35.46
CA TYR B 178 -1.57 -34.79 -36.57
CA GLY B 179 0.02 -33.67 -39.79
CA THR B 180 1.03 -30.21 -40.81
CA VAL B 181 -0.27 -26.71 -40.34
CA THR B 182 0.77 -23.39 -41.89
CA MET B 183 1.23 -19.81 -40.73
CA GLU B 184 1.36 -16.36 -42.28
CA CYS B 185 1.46 -13.49 -39.82
CA SER B 186 1.58 -9.73 -39.91
CA PRO B 187 3.37 -7.68 -37.23
CA ARG B 188 0.74 -5.30 -36.03
CA THR B 189 0.74 -2.45 -33.46
CA GLY B 190 -0.59 0.98 -32.80
CA LEU B 191 4.74 0.27 -32.24
CA ASP B 192 6.70 1.49 -35.22
CA PHE B 193 10.31 0.93 -34.29
CA ASN B 194 12.08 3.38 -36.52
CA GLU B 195 10.30 6.18 -34.78
CA MET B 196 11.09 4.81 -31.36
CA VAL B 197 14.28 4.64 -29.33
CA LEU B 198 15.65 2.37 -26.64
CA LEU B 199 16.52 4.65 -23.72
CA GLN B 200 18.81 3.10 -21.11
CA MET B 201 19.35 4.41 -17.59
CA LYS B 202 21.47 1.88 -15.84
CA ASP B 203 19.45 -1.28 -15.36
CA LYS B 204 16.21 0.26 -16.59
CA ALA B 205 15.21 1.03 -20.20
CA TRP B 206 12.10 2.08 -22.11
CA LEU B 207 11.18 2.50 -25.76
CA VAL B 208 10.52 6.14 -26.53
CA HIS B 209 9.84 8.27 -29.62
CA ARG B 210 12.57 10.01 -31.56
CA GLN B 211 11.59 13.72 -31.26
CA TRP B 212 10.65 13.33 -27.65
CA PHE B 213 14.09 11.87 -27.01
CA LEU B 214 15.86 14.53 -29.02
CA ASP B 215 13.85 17.35 -27.47
CA LEU B 216 15.24 16.35 -24.11
CA PRO B 217 16.44 19.55 -22.32
CA LEU B 218 19.74 18.09 -21.22
CA PRO B 219 23.45 18.17 -22.00
CA TRP B 220 24.41 15.67 -24.67
CA LEU B 221 27.08 14.00 -26.75
CA PRO B 222 26.59 12.86 -30.37
CA GLY B 223 25.80 9.19 -30.91
CA ALA B 224 29.05 9.37 -32.83
CA GLY B 228 33.58 13.01 -24.13
CA SER B 229 33.91 15.45 -26.97
CA ASN B 230 32.42 18.34 -25.14
CA TRP B 231 28.87 18.10 -24.01
CA ILE B 232 26.37 20.20 -25.87
CA GLN B 233 23.89 22.49 -24.14
CA LYS B 234 25.51 22.35 -20.72
CA GLU B 235 23.65 25.49 -19.63
CA THR B 236 20.55 23.39 -19.31
CA LEU B 237 22.15 22.23 -16.06
CA VAL B 238 24.13 25.32 -15.13
CA THR B 239 23.04 28.58 -13.53
CA PHE B 240 24.74 31.93 -12.94
CA LYS B 241 23.84 34.47 -10.28
CA ASN B 242 24.88 38.05 -9.49
CA PRO B 243 22.22 39.45 -7.11
CA HIS B 244 24.03 42.50 -5.69
CA ALA B 245 26.60 43.32 -8.36
CA LYS B 246 29.34 42.00 -6.03
CA LYS B 247 30.43 38.74 -7.56
CA GLN B 248 28.94 36.10 -9.80
CA ASP B 249 28.39 32.53 -8.73
CA VAL B 250 27.64 29.46 -10.82
CA VAL B 251 25.87 26.28 -9.80
CA VAL B 252 24.65 23.03 -11.27
CA LEU B 253 21.10 21.69 -11.00
CA GLY B 254 21.37 18.24 -9.55
CA SER B 255 20.39 14.83 -10.79
CA GLN B 256 17.58 14.79 -13.26
CA GLU B 257 17.36 11.03 -12.72
CA GLY B 258 14.13 11.11 -10.74
CA ALA B 259 12.91 13.80 -13.09
CA MET B 260 13.44 11.52 -16.10
CA HIS B 261 11.63 8.55 -14.54
CA THR B 262 8.67 10.80 -13.94
CA ALA B 263 8.65 11.71 -17.61
CA LEU B 264 8.90 8.05 -18.51
CA THR B 265 5.79 7.29 -16.47
CA GLY B 266 5.15 3.67 -17.22
CA ALA B 267 5.88 4.22 -20.92
CA THR B 268 6.93 1.24 -22.88
CA GLU B 269 9.33 -0.10 -20.28
CA ILE B 270 11.66 -2.95 -21.25
CA GLN B 271 14.17 -2.71 -18.54
CA MET B 272 15.46 -5.91 -17.33
CA SER B 273 14.94 -9.52 -17.28
CA SER B 274 18.27 -10.40 -15.70
CA GLY B 275 20.31 -7.59 -17.26
CA ASN B 276 14.27 -10.95 -23.79
CA LEU B 277 11.74 -8.63 -25.39
CA LEU B 278 8.13 -8.10 -24.46
CA PHE B 279 6.70 -7.20 -27.90
CA THR B 280 4.39 -4.16 -27.66
CA GLY B 281 1.36 -4.98 -29.72
CA HIS B 282 -0.14 -7.73 -31.85
CA LEU B 283 0.71 -10.28 -34.48
CA LYS B 284 -2.19 -11.07 -36.82
CA CYS B 285 -1.94 -14.48 -38.39
CA ARG B 286 -3.73 -16.74 -40.83
CA LEU B 287 -3.68 -20.53 -40.34
CA ARG B 288 -4.44 -23.21 -42.93
CA MET B 289 -5.26 -26.68 -41.57
CA ASP B 290 -6.16 -28.65 -44.72
CA LYS B 291 -2.99 -30.68 -44.27
CA LEU B 292 -3.98 -31.53 -40.69
CA GLN B 293 -6.11 -34.39 -39.44
CA LEU B 294 -7.72 -35.71 -36.27
CA LYS B 295 -5.88 -38.46 -34.46
CA GLY B 296 -7.40 -41.90 -34.08
CA MET B 297 -10.45 -41.77 -36.34
CA SER B 298 -10.53 -45.49 -36.78
CA TYR B 299 -10.27 -46.24 -33.15
CA SER B 300 -12.84 -48.31 -31.44
CA MET B 301 -15.35 -46.88 -29.05
CA CYS B 302 -14.10 -47.51 -25.52
CA THR B 303 -16.42 -50.10 -24.04
CA GLY B 304 -14.90 -50.40 -20.56
CA LYS B 305 -15.54 -48.06 -17.64
CA PHE B 306 -13.84 -44.87 -16.55
CA LYS B 307 -12.96 -43.39 -13.22
CA VAL B 308 -12.62 -39.71 -12.40
CA VAL B 309 -8.97 -39.26 -11.53
CA LYS B 310 -9.11 -35.51 -11.11
CA GLU B 311 -12.30 -33.51 -10.79
CA ILE B 312 -14.44 -31.42 -13.10
CA ALA B 313 -13.06 -27.93 -12.54
CA GLU B 314 -14.36 -24.82 -14.26
CA THR B 315 -12.04 -22.48 -16.21
CA GLN B 316 -12.41 -18.73 -16.29
CA HIS B 317 -14.34 -19.00 -19.54
CA GLY B 318 -17.17 -21.30 -18.70
CA THR B 319 -15.44 -24.44 -19.90
CA ILE B 320 -14.89 -27.46 -17.62
CA VAL B 321 -11.84 -29.72 -17.47
CA ILE B 322 -11.99 -33.34 -16.28
CA ARG B 323 -9.39 -36.08 -16.06
CA VAL B 324 -10.50 -39.66 -16.27
CA GLN B 325 -8.80 -43.00 -16.33
CA TYR B 326 -9.84 -45.94 -18.51
CA GLU B 327 -10.12 -49.31 -16.89
CA GLY B 328 -11.63 -51.17 -19.80
CA ASP B 329 -9.78 -53.58 -22.08
CA GLY B 330 -9.97 -51.95 -25.53
CA SER B 331 -7.18 -49.32 -25.81
CA PRO B 332 -6.38 -47.60 -28.13
CA CYS B 333 -9.95 -46.36 -28.28
CA LYS B 334 -12.21 -43.27 -28.48
CA ILE B 335 -13.80 -41.97 -25.30
CA PRO B 336 -17.66 -41.91 -25.34
CA PHE B 337 -18.32 -38.33 -24.27
CA GLU B 338 -21.60 -36.43 -24.32
CA ILE B 339 -23.21 -33.59 -22.42
CA MET B 340 -26.98 -33.91 -21.93
CA ASP B 341 -29.78 -31.91 -20.38
CA LEU B 342 -32.00 -32.76 -17.42
CA GLU B 343 -34.74 -34.97 -19.15
CA LYS B 344 -31.89 -37.24 -20.17
CA ARG B 345 -32.20 -36.84 -23.96
CA HIS B 346 -30.95 -33.88 -25.98
CA VAL B 347 -27.17 -33.14 -26.30
CA LEU B 348 -26.41 -29.61 -25.03
CA GLY B 349 -22.65 -29.24 -25.09
CA ARG B 350 -19.64 -29.20 -27.35
CA LEU B 351 -16.18 -30.61 -26.77
CA ILE B 352 -13.19 -28.32 -26.86
CA THR B 353 -10.77 -31.24 -26.62
CA VAL B 354 -12.20 -32.92 -29.69
CA ASN B 355 -12.00 -36.65 -30.36
CA PRO B 356 -10.91 -37.76 -26.85
CA ILE B 357 -9.03 -41.09 -26.98
CA VAL B 358 -7.42 -43.48 -24.51
CA THR B 359 -3.87 -44.32 -25.49
CA GLU B 360 -2.72 -46.44 -22.55
CA LYS B 361 -4.70 -48.21 -19.80
CA ASP B 362 -2.95 -46.41 -16.95
CA SER B 363 -2.37 -42.96 -18.50
CA PRO B 364 -5.15 -40.50 -17.59
CA VAL B 365 -6.80 -38.33 -20.21
CA ASN B 366 -7.77 -34.69 -19.85
CA ILE B 367 -10.87 -33.38 -21.60
CA GLU B 368 -12.11 -29.82 -21.85
CA ALA B 369 -15.71 -29.26 -22.73
CA GLU B 370 -18.12 -26.39 -22.95
CA PRO B 371 -21.30 -27.28 -21.03
CA PRO B 372 -24.47 -25.24 -21.48
CA PHE B 373 -25.49 -22.65 -18.92
CA GLY B 374 -27.07 -24.05 -15.81
CA ASP B 375 -27.83 -27.72 -15.19
CA SER B 376 -26.27 -30.28 -17.45
CA TYR B 377 -24.91 -33.82 -17.53
CA ILE B 378 -21.47 -35.15 -18.22
CA ILE B 379 -21.81 -38.73 -19.38
CA ILE B 380 -18.49 -40.51 -19.75
CA GLY B 381 -18.33 -43.96 -21.28
CA VAL B 382 -21.16 -46.32 -22.06
CA GLU B 383 -23.24 -48.48 -19.74
CA PRO B 384 -22.35 -50.62 -17.71
CA GLY B 385 -20.88 -48.24 -15.11
CA GLN B 386 -21.24 -45.23 -17.32
CA LEU B 387 -20.23 -42.03 -15.48
CA LYS B 388 -23.05 -39.49 -15.17
CA LEU B 389 -21.71 -36.36 -13.60
CA ASN B 390 -24.00 -33.42 -12.82
CA TRP B 391 -22.77 -29.89 -13.48
CA PHE B 392 -24.17 -26.40 -13.04
CA LYS B 393 -22.90 -23.44 -14.97
CA LYS B 394 -22.55 -19.85 -13.84
CA MET C 1 31.69 58.63 4.40
CA ARG C 2 31.13 54.91 3.96
CA CYS C 3 28.12 55.31 1.62
CA ILE C 4 30.20 56.99 -1.02
CA GLY C 5 30.79 54.54 -3.85
CA ILE C 6 27.46 52.24 -3.31
CA SER C 7 24.96 52.48 -5.64
CA ASN C 8 21.91 51.68 -3.59
CA ARG C 9 22.31 54.88 -1.17
CA ASP C 10 19.86 57.02 -0.32
CA PHE C 11 19.97 60.75 0.50
CA VAL C 12 17.77 61.96 3.34
CA GLU C 13 17.71 65.63 4.59
CA GLY C 14 16.66 66.32 8.33
CA VAL C 15 14.53 69.25 9.47
CA SER C 16 15.09 71.99 12.05
CA SER C 19 15.56 67.31 15.27
CA TRP C 20 13.86 64.34 13.58
CA VAL C 21 14.59 62.32 10.54
CA ASP C 22 13.21 59.30 9.03
CA ILE C 23 15.33 56.61 7.37
CA VAL C 24 15.06 53.04 6.07
CA LEU C 25 17.90 50.57 6.21
CA GLU C 26 18.36 47.18 4.55
CA HIS C 27 21.36 44.95 3.84
CA GLY C 28 23.16 46.36 0.82
CA SER C 29 21.56 49.80 1.06
CA CYS C 30 23.13 52.86 2.67
CA VAL C 31 21.77 56.17 3.81
CA THR C 32 23.32 59.62 4.05
CA THR C 33 21.51 62.04 6.35
CA MET C 34 21.69 65.76 6.37
CA ALA C 35 20.28 68.23 8.85
CA LYS C 36 21.75 71.73 8.74
CA ASN C 37 23.95 73.04 11.51
CA LYS C 38 24.32 69.33 11.95
CA PRO C 39 26.90 66.74 10.77
CA THR C 40 26.32 64.58 7.74
CA LEU C 41 26.01 60.94 8.61
CA ASP C 42 26.20 57.66 6.77
CA PHE C 43 24.04 54.79 7.97
CA GLU C 44 24.34 51.13 7.13
CA LEU C 45 22.75 47.94 8.45
CA ILE C 46 25.69 45.62 8.76
CA LYS C 47 24.18 42.57 10.63
CA THR C 48 20.98 40.91 11.83
CA GLU C 49 21.35 38.37 14.64
CA ALA C 50 18.88 35.81 15.92
CA LYS C 51 19.48 35.27 19.61
CA GLN C 52 20.35 24.85 18.60
CA PRO C 53 16.80 25.82 17.35
CA ALA C 54 14.12 23.19 16.77
CA THR C 55 13.08 20.69 14.21
CA LEU C 56 9.47 21.20 13.13
CA ARG C 57 9.78 18.22 10.84
CA LYS C 58 12.30 16.09 8.93
CA TYR C 59 11.79 15.00 5.29
CA CYS C 60 13.31 12.01 3.52
CA ILE C 61 14.40 13.00 0.03
CA GLU C 62 16.13 9.81 -1.02
CA ALA C 63 15.19 6.25 -0.09
CA LYS C 64 16.17 2.60 -0.35
CA LEU C 65 13.96 -0.47 -0.83
CA THR C 66 15.33 -3.77 0.29
CA ASN C 67 14.61 -7.05 2.01
CA THR C 68 11.54 -7.70 -0.14
CA THR C 69 9.29 -10.41 1.13
CA THR C 70 5.94 -11.66 -0.08
CA GLU C 71 3.11 -14.00 0.82
CA SER C 72 0.83 -15.50 -1.81
CA ARG C 73 -2.16 -17.71 -1.20
CA CYS C 74 -3.90 -20.22 -3.48
CA PRO C 75 -7.26 -19.38 -5.14
CA THR C 76 -8.96 -21.06 -2.19
CA GLN C 77 -6.61 -20.29 0.73
CA GLY C 78 -8.06 -16.81 1.24
CA GLU C 79 -6.07 -13.69 2.26
CA PRO C 80 -2.28 -13.11 2.35
CA THR C 81 -0.41 -12.17 5.52
CA LEU C 82 3.07 -10.99 6.34
CA ASN C 83 4.31 -10.09 9.74
CA GLU C 84 6.18 -7.37 7.91
CA GLU C 85 2.75 -5.74 7.62
CA GLN C 86 3.24 -4.68 11.23
CA ASP C 87 6.86 -3.63 10.98
CA LYS C 88 6.40 0.06 10.42
CA ARG C 89 9.68 0.11 8.50
CA PHE C 90 8.06 -1.88 5.75
CA VAL C 91 5.80 -0.62 3.03
CA CYS C 92 3.14 -3.05 1.72
CA LYS C 93 0.44 -3.57 -0.90
CA HIS C 94 -2.11 -6.30 -1.72
CA SER C 95 -2.73 -7.58 -5.23
CA MET C 96 -4.02 -10.73 -6.97
CA VAL C 97 -2.13 -13.11 -9.28
CA ASP C 98 -3.05 -16.12 -11.37
CA ARG C 99 -2.56 -19.43 -9.60
CA GLY C 100 -2.86 -23.08 -10.67
CA TRP C 101 -1.20 -26.49 -10.84
CA GLY C 102 1.75 -24.84 -12.62
CA ASN C 103 2.73 -22.81 -9.59
CA GLY C 104 1.56 -24.80 -6.58
CA CYS C 105 -2.22 -24.87 -6.29
CA GLY C 106 -4.77 -27.59 -6.88
CA LEU C 107 -7.22 -24.96 -7.97
CA PHE C 108 -7.12 -22.41 -10.74
CA GLY C 109 -7.88 -18.73 -10.24
CA LYS C 110 -6.71 -15.53 -8.64
CA GLY C 111 -4.85 -16.12 -5.42
CA GLY C 112 -4.08 -13.11 -3.29
CA ILE C 113 -0.64 -11.71 -2.62
CA VAL C 114 0.90 -9.08 -0.43
CA THR C 115 4.37 -7.73 -1.08
CA CYS C 116 6.33 -5.73 1.49
CA ALA C 117 9.78 -4.12 1.47
CA MET C 118 11.80 -2.31 4.10
CA PHE C 119 12.06 1.40 3.43
CA THR C 120 15.30 3.12 4.36
CA CYS C 121 16.07 6.80 4.14
CA LYS C 122 19.41 7.59 2.43
CA LYS C 123 19.42 11.40 2.51
CA ASN C 124 17.26 14.05 4.24
CA MET C 125 16.42 17.72 4.88
CA GLU C 126 15.13 19.34 8.08
CA GLY C 127 12.78 22.22 8.74
CA LYS C 128 13.65 24.42 11.70
CA ILE C 129 11.81 27.02 13.69
CA VAL C 130 13.74 30.23 13.98
CA GLN C 131 13.52 33.01 16.64
CA PRO C 132 15.45 36.24 16.05
CA GLU C 133 10.97 42.10 17.29
CA ASN C 134 13.39 39.78 19.05
CA LEU C 135 16.19 39.96 16.37
CA GLU C 136 19.17 42.14 17.10
CA TYR C 137 20.38 44.58 14.53
CA THR C 138 23.81 46.07 14.11
CA VAL C 139 24.12 49.47 12.40
CA VAL C 140 27.18 51.50 11.53
CA ILE C 141 27.12 55.26 11.67
CA THR C 142 29.98 56.98 9.87
CA PRO C 143 30.03 60.82 10.11
CA HIS C 144 31.32 62.79 7.10
CA SER C 145 34.46 63.90 8.90
CA GLY C 146 36.42 64.11 5.65
CA GLU C 147 39.27 61.96 6.98
CA GLU C 148 41.94 61.05 4.37
CA HIS C 149 40.72 57.46 4.34
CA ALA C 150 37.02 57.84 5.26
CA VAL C 151 35.50 57.60 1.73
CA GLY C 152 33.63 54.32 1.34
CA ASN C 153 35.89 52.64 3.87
CA ASP C 154 34.29 49.22 4.44
CA THR C 155 36.14 48.44 7.65
CA GLY C 156 34.17 50.03 10.43
CA LYS C 157 36.90 51.94 12.19
CA HIS C 158 35.58 55.25 10.92
CA GLY C 159 32.25 54.53 12.49
CA LYS C 160 30.37 53.52 15.57
CA GLU C 161 28.60 50.20 15.60
CA VAL C 162 25.23 50.26 17.23
CA LYS C 163 23.03 47.33 18.21
CA ILE C 164 19.34 47.98 18.07
CA THR C 165 17.61 45.59 20.31
CA PRO C 166 13.98 45.34 19.23
CA GLN C 167 13.81 44.21 22.68
CA SER C 168 15.53 46.02 24.97
CA SER C 169 14.78 49.26 23.18
CA ILE C 170 15.78 52.65 21.87
CA THR C 171 19.52 52.93 21.27
CA GLU C 172 21.63 56.03 21.98
CA ALA C 173 24.96 56.89 20.33
CA GLU C 174 28.26 58.51 21.15
CA LEU C 175 29.55 60.24 18.08
CA THR C 176 32.94 61.31 19.40
CA GLY C 177 33.64 65.00 18.95
CA TYR C 178 30.15 65.36 17.50
CA GLY C 179 27.95 64.56 20.44
CA THR C 180 25.14 62.09 20.64
CA VAL C 181 22.42 60.82 18.37
CA THR C 182 19.40 58.59 19.03
CA MET C 183 17.62 55.76 17.25
CA GLU C 184 14.21 54.11 17.33
CA CYS C 185 13.59 51.54 14.63
CA SER C 186 10.82 49.26 13.52
CA PRO C 187 11.50 45.86 11.91
CA ARG C 188 9.58 46.01 8.68
CA THR C 189 9.01 43.50 5.83
CA GLY C 190 6.44 42.22 3.44
CA LEU C 191 9.07 38.53 6.38
CA ASP C 192 7.05 37.32 9.34
CA PHE C 193 9.22 34.69 10.95
CA ASN C 194 6.69 32.63 12.82
CA GLU C 195 5.07 31.73 9.56
CA MET C 196 8.36 30.88 7.95
CA VAL C 197 10.76 27.97 8.37
CA LEU C 198 14.47 27.44 7.94
CA LEU C 199 14.80 24.51 5.54
CA GLN C 200 18.25 22.89 5.46
CA MET C 201 19.55 20.59 2.73
CA LYS C 202 23.15 19.97 3.53
CA ASP C 203 25.09 23.17 3.03
CA LYS C 204 22.14 25.05 1.54
CA ALA C 205 19.10 26.49 3.36
CA TRP C 206 16.18 28.78 2.60
CA LEU C 207 13.41 30.38 4.63
CA VAL C 208 10.05 28.95 3.61
CA HIS C 209 6.44 29.18 4.78
CA ARG C 210 4.92 26.76 7.25
CA GLN C 211 2.05 25.20 5.21
CA TRP C 212 4.15 24.95 2.11
CA PHE C 213 6.75 23.07 4.14
CA LEU C 214 4.19 20.84 5.79
CA ASP C 215 2.38 20.15 2.53
CA LEU C 216 5.57 18.64 1.19
CA PRO C 217 4.67 15.29 -0.47
CA LEU C 218 7.49 13.36 1.12
CA PRO C 219 8.19 10.83 3.84
CA TRP C 220 8.78 12.45 7.21
CA LEU C 221 9.66 12.12 10.87
CA PRO C 222 8.18 14.32 13.63
CA GLY C 223 10.31 17.26 14.77
CA ALA C 224 10.12 15.36 18.06
CA GLY C 228 14.10 7.08 13.07
CA SER C 229 10.73 6.30 14.56
CA ASN C 230 9.21 5.09 11.36
CA TRP C 231 8.86 7.50 8.53
CA ILE C 232 5.40 8.70 7.74
CA GLN C 233 3.91 8.63 4.26
CA LYS C 234 6.57 6.42 2.71
CA GLU C 235 4.30 5.58 -0.21
CA THR C 236 4.99 9.01 -1.56
CA LEU C 237 8.30 7.47 -2.66
CA VAL C 238 7.24 3.88 -3.20
CA THR C 239 5.43 2.24 -6.10
CA PHE C 240 3.89 -1.19 -6.66
CA LYS C 241 3.29 -2.88 -9.99
CA ASN C 242 1.49 -6.02 -11.16
CA PRO C 243 0.99 -5.66 -14.94
CA HIS C 244 0.19 -9.24 -15.94
CA ALA C 245 -1.13 -10.78 -12.73
CA LYS C 246 2.11 -12.77 -12.41
CA LYS C 247 3.96 -11.15 -9.54
CA GLN C 248 4.09 -7.78 -7.90
CA ASP C 249 7.16 -5.58 -7.83
CA VAL C 250 7.93 -2.55 -5.70
CA VAL C 251 10.27 0.31 -6.45
CA VAL C 252 11.39 3.62 -5.00
CA LEU C 253 11.34 6.95 -6.84
CA GLY C 254 14.82 8.32 -6.60
CA SER C 255 16.27 11.47 -5.13
CA GLN C 256 13.91 14.37 -4.94
CA GLU C 257 16.92 16.58 -4.22
CA GLY C 258 16.96 18.29 -7.60
CA ALA C 259 13.19 18.35 -7.47
CA MET C 260 13.25 20.27 -4.18
CA HIS C 261 15.75 22.87 -5.41
CA THR C 262 13.47 23.53 -8.34
CA ALA C 263 10.62 24.18 -5.93
CA LEU C 264 12.86 26.45 -3.92
CA THR C 265 13.61 28.55 -6.99
CA GLY C 266 15.61 31.41 -5.61
CA ALA C 267 13.24 31.73 -2.64
CA THR C 268 14.62 33.36 0.43
CA GLU C 269 17.94 31.53 0.35
CA ILE C 270 20.23 31.81 3.38
CA GLN C 271 22.50 28.95 2.76
CA MET C 272 26.00 29.50 3.69
CA SER C 273 28.50 32.01 4.54
CA SER C 274 31.18 29.57 5.61
CA GLY C 275 28.88 26.89 7.04
CA ASN C 276 25.47 35.44 9.42
CA LEU C 277 21.98 36.45 8.37
CA LEU C 278 20.94 38.50 5.38
CA PHE C 279 17.77 40.12 6.79
CA THR C 280 14.92 39.96 4.26
CA GLY C 281 13.29 43.34 4.28
CA HIS C 282 13.55 46.74 5.88
CA LEU C 283 14.14 48.48 9.17
CA LYS C 284 12.39 51.84 9.47
CA CYS C 285 14.04 54.19 11.89
CA ARG C 286 13.66 57.63 13.40
CA LEU C 287 16.74 59.68 14.33
CA ARG C 288 16.93 62.66 16.68
CA MET C 289 20.02 64.89 16.33
CA ASP C 290 19.29 67.72 18.80
CA LYS C 291 22.10 66.45 20.99
CA LEU C 292 24.51 66.53 18.05
CA GLN C 293 26.65 69.40 16.82
CA LEU C 294 28.96 70.36 13.97
CA LYS C 295 32.65 70.05 14.63
CA GLY C 296 34.90 73.10 14.60
CA MET C 297 32.46 76.00 14.44
CA SER C 298 34.90 78.40 15.95
CA TYR C 299 37.69 77.49 13.66
CA SER C 300 39.36 80.07 11.58
CA MET C 301 38.89 80.30 7.86
CA CYS C 302 41.87 78.63 6.19
CA THR C 303 43.87 81.41 4.59
CA GLY C 304 46.66 79.35 3.01
CA LYS C 305 46.45 77.49 -0.30
CA PHE C 306 45.33 74.01 -1.17
CA LYS C 307 46.50 71.40 -3.60
CA VAL C 308 44.39 68.71 -5.23
CA VAL C 309 45.80 65.47 -3.88
CA LYS C 310 43.24 63.21 -5.51
CA GLU C 311 40.91 64.28 -8.27
CA ILE C 312 37.28 65.36 -8.52
CA ALA C 313 35.52 62.10 -9.29
CA GLU C 314 31.78 61.76 -9.80
CA THR C 315 29.69 59.28 -7.77
CA GLN C 316 26.76 57.36 -9.18
CA HIS C 317 24.39 59.99 -7.82
CA GLY C 318 25.64 63.18 -9.34
CA THR C 319 27.81 64.14 -6.39
CA ILE C 320 31.56 64.79 -6.75
CA VAL C 321 34.32 63.84 -4.33
CA ILE C 322 37.64 65.71 -4.09
CA ARG C 323 40.65 65.35 -1.84
CA VAL C 324 42.77 68.35 -1.13
CA GLN C 325 45.76 69.10 1.02
CA TYR C 326 46.27 72.31 2.97
CA GLU C 327 49.62 73.99 2.74
CA GLY C 328 48.75 77.14 4.62
CA ASP C 329 49.80 77.93 8.20
CA GLY C 330 46.50 78.21 10.09
CA SER C 331 45.33 74.68 11.06
CA PRO C 332 42.96 73.82 12.68
CA CYS C 333 40.77 75.77 10.28
CA LYS C 334 37.62 75.66 8.09
CA ILE C 335 38.03 75.05 4.36
CA PRO C 336 36.67 77.88 2.12
CA PHE C 337 34.46 75.90 -0.25
CA GLU C 338 31.95 77.21 -2.75
CA ILE C 339 30.47 76.12 -6.06
CA MET C 340 29.72 78.93 -8.50
CA ASP C 341 28.25 79.32 -11.96
CA LEU C 342 29.89 80.53 -15.17
CA GLU C 343 29.57 84.40 -14.76
CA LYS C 344 31.58 83.98 -11.59
CA ARG C 345 28.94 85.18 -9.10
CA HIS C 346 25.99 83.15 -7.85
CA VAL C 347 26.51 80.01 -5.65
CA LEU C 348 24.92 76.96 -7.31
CA GLY C 349 25.86 73.98 -5.19
CA ARG C 350 25.50 72.46 -1.76
CA LEU C 351 28.03 70.55 0.30
CA ILE C 352 27.28 67.01 1.36
CA THR C 353 30.38 66.87 3.58
CA VAL C 354 29.31 69.90 5.56
CA ASN C 355 31.72 72.19 7.41
CA PRO C 356 34.98 70.91 5.82
CA ILE C 357 37.97 71.55 8.12
CA VAL C 358 41.73 70.98 8.02
CA THR C 359 42.93 69.16 11.11
CA GLU C 360 46.62 68.63 10.30
CA LYS C 361 48.88 70.25 7.70
CA ASP C 362 49.84 67.00 6.03
CA SER C 363 46.58 65.02 6.37
CA PRO C 364 44.38 65.31 3.25
CA VAL C 365 40.69 66.09 3.51
CA ASN C 366 37.91 64.54 1.46
CA ILE C 367 34.89 66.62 0.50
CA GLU C 368 31.71 65.49 -1.22
CA ALA C 369 29.58 68.12 -2.86
CA GLU C 370 26.55 68.26 -5.05
CA PRO C 371 27.28 70.51 -8.06
CA PRO C 372 24.45 71.80 -10.24
CA PHE C 373 23.74 70.19 -13.60
CA GLY C 374 26.07 71.20 -16.36
CA ASP C 375 28.89 73.73 -16.05
CA SER C 376 29.94 74.83 -12.61
CA TYR C 377 32.96 75.95 -10.58
CA ILE C 378 34.66 74.40 -7.61
CA ILE C 379 36.49 77.15 -5.78
CA ILE C 380 38.68 75.88 -2.96
CA GLY C 381 40.36 78.29 -0.59
CA VAL C 382 40.69 82.04 -0.89
CA GLU C 383 42.96 84.10 -3.11
CA PRO C 384 46.03 84.06 -3.38
CA GLY C 385 46.31 80.74 -5.24
CA GLN C 386 42.68 79.92 -4.82
CA LEU C 387 41.76 76.69 -6.64
CA LYS C 388 39.14 77.17 -9.37
CA LEU C 389 38.20 73.82 -10.77
CA ASN C 390 35.75 73.52 -13.67
CA TRP C 391 33.19 70.73 -13.62
CA PHE C 392 30.41 69.55 -15.94
CA LYS C 393 27.52 67.48 -14.73
CA LYS C 394 25.66 64.74 -16.56
CA PRO D 26 4.26 -17.15 52.31
CA CYS D 27 5.16 -14.64 49.61
CA PRO D 28 5.01 -10.82 49.80
CA TRP D 29 2.01 -8.83 48.56
CA GLU D 30 1.53 -9.58 44.85
CA TRP D 31 4.60 -11.81 44.36
CA THR D 32 3.87 -15.06 42.52
CA PHE D 33 4.75 -18.29 44.36
CA PHE D 34 6.54 -21.31 42.89
CA GLN D 35 8.51 -24.19 44.41
CA GLY D 36 9.26 -22.46 47.71
CA ASN D 37 10.29 -19.21 46.07
CA CYS D 38 8.69 -15.85 45.35
CA TYR D 39 9.03 -14.11 42.01
CA PHE D 40 8.22 -10.51 41.17
CA MET D 41 7.37 -9.30 37.68
CA SER D 42 8.34 -5.64 37.54
CA ASN D 43 5.86 -3.17 36.15
CA SER D 44 8.70 -0.93 35.01
CA GLN D 45 11.64 -1.31 32.63
CA ARG D 46 15.29 -0.71 33.48
CA ASN D 47 18.66 -1.64 32.01
CA TRP D 48 20.32 -4.86 33.18
CA HIS D 49 22.35 -3.27 35.96
CA ASP D 50 19.66 -1.03 37.43
CA SER D 51 17.53 -4.17 37.50
CA ILE D 52 19.99 -6.12 39.64
CA THR D 53 20.40 -3.17 41.99
CA ALA D 54 16.62 -2.93 42.08
CA CYS D 55 16.17 -6.52 43.26
CA LYS D 56 18.85 -5.93 45.89
CA GLU D 57 16.93 -2.93 47.22
CA VAL D 58 14.50 -5.48 48.58
CA GLY D 59 17.14 -8.12 49.17
CA ALA D 60 16.32 -10.16 46.06
CA GLN D 61 18.12 -11.25 42.90
CA LEU D 62 17.64 -11.11 39.13
CA VAL D 63 15.95 -14.48 38.65
CA VAL D 64 18.45 -17.37 38.34
CA ILE D 65 16.90 -20.54 36.97
CA LYS D 66 17.59 -23.92 38.56
CA SER D 67 15.11 -26.50 37.28
CA ALA D 68 13.41 -26.99 33.94
CA GLU D 69 9.94 -26.25 35.27
CA GLU D 70 11.17 -23.00 36.77
CA GLN D 71 12.16 -22.31 33.17
CA ASN D 72 8.79 -23.43 31.77
CA PHE D 73 7.12 -21.44 34.54
CA LEU D 74 9.08 -18.26 33.88
CA GLN D 75 9.09 -18.57 30.08
CA LEU D 76 5.31 -18.69 30.41
CA GLN D 77 5.09 -15.83 32.90
CA SER D 78 6.69 -13.57 30.28
CA SER D 79 5.30 -15.14 27.11
CA ARG D 80 1.86 -14.35 28.55
CA SER D 81 2.64 -10.80 29.60
CA ASN D 82 3.98 -10.15 26.07
CA ARG D 83 7.08 -8.60 27.62
CA PHE D 84 10.80 -9.05 26.94
CA THR D 85 12.27 -9.59 30.38
CA TRP D 86 15.78 -9.57 31.80
CA MET D 87 17.22 -12.43 33.88
CA GLY D 88 20.42 -12.79 35.91
CA LEU D 89 22.46 -14.25 33.05
CA SER D 90 25.26 -12.57 31.08
CA ASP D 91 28.54 -13.08 29.26
CA LEU D 92 29.90 -9.69 30.29
CA ASN D 93 33.13 -10.98 31.85
CA GLN D 94 33.74 -13.57 29.12
CA GLU D 95 32.24 -13.38 25.64
CA GLY D 96 30.89 -16.80 24.78
CA THR D 97 30.91 -17.78 28.47
CA TRP D 98 27.60 -17.32 30.32
CA GLN D 99 27.35 -17.06 34.10
CA TRP D 100 24.46 -16.24 36.48
CA VAL D 101 24.56 -13.11 38.64
CA ASP D 102 25.36 -15.07 41.82
CA GLY D 103 28.11 -17.28 40.41
CA SER D 104 26.79 -20.63 39.14
CA PRO D 105 27.48 -21.37 35.48
CA LEU D 106 25.36 -21.96 32.39
CA LEU D 107 24.61 -25.68 32.10
CA PRO D 108 24.49 -27.74 28.84
CA SER D 109 20.90 -28.68 29.66
CA PHE D 110 19.93 -24.99 29.69
CA LYS D 111 21.65 -24.28 26.34
CA GLN D 112 18.58 -25.77 24.65
CA TYR D 113 16.58 -22.75 25.84
CA TRP D 114 18.23 -20.26 23.47
CA ASN D 115 15.95 -19.47 20.55
CA ARG D 116 16.93 -20.85 17.16
CA GLY D 117 20.28 -19.19 16.47
CA GLU D 118 21.10 -17.52 19.79
CA PRO D 119 23.23 -16.19 21.34
CA ASN D 120 24.37 -14.21 18.31
CA ASN D 121 25.94 -11.22 20.09
CA VAL D 122 24.84 -8.92 17.24
CA GLY D 123 25.91 -5.41 18.10
CA GLU D 124 27.47 -6.86 21.27
CA GLU D 125 24.71 -8.47 23.32
CA ASP D 126 25.86 -9.57 26.78
CA CYS D 127 22.66 -10.06 28.76
CA ALA D 128 19.82 -12.58 28.47
CA GLU D 129 16.10 -11.86 28.22
CA PHE D 130 13.00 -14.01 27.85
CA SER D 131 11.90 -13.80 24.21
CA GLY D 132 8.82 -15.59 22.88
CA ASN D 133 9.46 -19.27 23.56
CA GLY D 134 13.20 -19.15 24.28
CA TRP D 135 16.03 -16.85 25.30
CA ASN D 136 17.88 -14.13 23.46
CA ASP D 137 20.96 -12.09 24.21
CA ASP D 138 20.53 -8.32 23.90
CA LYS D 139 22.32 -5.09 24.80
CA CYS D 140 22.54 -4.61 28.55
CA ASN D 141 21.94 -0.87 28.33
CA LEU D 142 18.37 -1.42 27.13
CA ALA D 143 15.51 -0.91 29.55
CA LYS D 144 13.35 -4.02 29.80
CA PHE D 145 11.13 -5.62 32.37
CA TRP D 146 12.76 -7.79 35.00
CA ILE D 147 11.96 -10.50 37.52
CA CYS D 148 13.31 -10.81 41.05
CA LYS D 149 13.61 -13.99 43.09
CA LYS D 150 13.88 -14.72 46.80
CA SER D 151 13.34 -17.21 49.61
CA ALA D 152 9.72 -17.99 50.46
CA ALA D 153 8.44 -18.56 54.01
#